data_5XOD
#
_entry.id   5XOD
#
_cell.length_a   110.840
_cell.length_b   110.840
_cell.length_c   110.840
_cell.angle_alpha   90.000
_cell.angle_beta   90.000
_cell.angle_gamma   90.000
#
_symmetry.space_group_name_H-M   'I 2 3'
#
loop_
_entity.id
_entity.type
_entity.pdbx_description
1 polymer 'Mothers against decapentaplegic homolog 2'
2 polymer 'Ski oncogene'
3 water water
#
loop_
_entity_poly.entity_id
_entity_poly.type
_entity_poly.pdbx_seq_one_letter_code
_entity_poly.pdbx_strand_id
1 'polypeptide(L)'
;GPDLQPVTYSEPAFWCSIAYYELNQRVGETFHASQPSLTVDGFTDPSNSERFCLGLLSNVNRNATVEMTRRHIGRGVRLY
YIGGEVFAECLSDSAIFVQSPNCNQRYGWHPATVCKIPPGCNLKIFNNQEFAALLAQSVNQGFEAVYQLTRMCTIRMSFV
KGWGAEYRRQTVTSTPCWIELHLNGPLQWLDKVLTQMGS
;
A
2 'polypeptide(L)' GPGLQKTLEQFHLSSMSSLGGPAAFSASDED B
#
# COMPACT_ATOMS: atom_id res chain seq x y z
N GLY A 1 -6.37 -14.38 36.14
CA GLY A 1 -6.24 -13.49 35.01
C GLY A 1 -7.33 -13.58 33.95
N PRO A 2 -8.51 -13.03 34.26
CA PRO A 2 -9.58 -12.97 33.25
C PRO A 2 -9.47 -11.79 32.31
N ASP A 3 -8.60 -10.83 32.60
CA ASP A 3 -8.37 -9.67 31.75
C ASP A 3 -7.29 -9.98 30.72
N LEU A 4 -7.31 -9.21 29.63
CA LEU A 4 -6.34 -9.39 28.57
C LEU A 4 -5.09 -8.54 28.83
N GLN A 5 -4.12 -8.68 27.94
CA GLN A 5 -2.88 -7.91 28.08
C GLN A 5 -3.15 -6.43 27.82
N PRO A 6 -2.60 -5.53 28.64
CA PRO A 6 -2.72 -4.10 28.35
C PRO A 6 -2.10 -3.77 27.00
N VAL A 7 -2.90 -3.18 26.12
CA VAL A 7 -2.48 -2.88 24.76
C VAL A 7 -1.75 -1.54 24.76
N THR A 8 -0.56 -1.53 24.16
CA THR A 8 0.26 -0.32 24.03
C THR A 8 0.61 -0.13 22.57
N TYR A 9 0.88 1.12 22.20
CA TYR A 9 1.23 1.47 20.83
C TYR A 9 2.53 2.23 20.80
N SER A 10 3.46 1.77 19.97
CA SER A 10 4.71 2.44 19.70
C SER A 10 4.75 2.85 18.24
N GLU A 11 5.28 4.04 17.97
CA GLU A 11 5.25 4.58 16.61
C GLU A 11 6.05 3.69 15.67
N PRO A 12 5.51 3.34 14.50
CA PRO A 12 6.23 2.46 13.59
C PRO A 12 7.53 3.10 13.10
N ALA A 13 8.61 2.31 13.12
CA ALA A 13 9.88 2.78 12.57
C ALA A 13 9.81 2.92 11.05
N PHE A 14 8.83 2.30 10.40
CA PHE A 14 8.65 2.36 8.96
C PHE A 14 7.21 2.74 8.67
N TRP A 15 7.01 3.72 7.78
CA TRP A 15 5.65 4.13 7.45
C TRP A 15 4.96 3.21 6.47
N CYS A 16 5.69 2.32 5.81
CA CYS A 16 5.07 1.36 4.91
C CYS A 16 6.00 0.18 4.68
N SER A 17 5.40 -0.93 4.29
CA SER A 17 6.12 -2.11 3.83
C SER A 17 5.64 -2.45 2.42
N ILE A 18 6.55 -2.98 1.60
CA ILE A 18 6.28 -3.29 0.21
C ILE A 18 6.73 -4.71 -0.08
N ALA A 19 5.83 -5.52 -0.66
CA ALA A 19 6.13 -6.88 -1.05
C ALA A 19 6.02 -7.01 -2.56
N TYR A 20 7.01 -7.64 -3.18
CA TYR A 20 7.09 -7.79 -4.62
C TYR A 20 6.58 -9.17 -5.03
N TYR A 21 5.85 -9.22 -6.14
CA TYR A 21 5.25 -10.44 -6.66
C TYR A 21 5.56 -10.58 -8.14
N GLU A 22 5.62 -11.83 -8.60
CA GLU A 22 5.66 -12.14 -10.03
C GLU A 22 4.55 -13.15 -10.28
N LEU A 23 3.52 -12.73 -11.02
CA LEU A 23 2.29 -13.50 -11.16
C LEU A 23 1.65 -13.71 -9.79
N ASN A 24 1.67 -14.93 -9.25
CA ASN A 24 1.07 -15.18 -7.95
C ASN A 24 2.08 -15.71 -6.94
N GLN A 25 3.37 -15.45 -7.14
CA GLN A 25 4.41 -15.91 -6.24
C GLN A 25 5.14 -14.71 -5.65
N ARG A 26 5.37 -14.74 -4.34
CA ARG A 26 6.23 -13.77 -3.70
C ARG A 26 7.66 -13.93 -4.20
N VAL A 27 8.31 -12.81 -4.47
CA VAL A 27 9.69 -12.79 -4.93
C VAL A 27 10.46 -11.80 -4.09
N GLY A 28 11.50 -12.27 -3.41
CA GLY A 28 12.36 -11.42 -2.62
C GLY A 28 11.80 -11.11 -1.25
N GLU A 29 12.59 -10.36 -0.49
CA GLU A 29 12.22 -9.96 0.85
C GLU A 29 11.29 -8.76 0.84
N THR A 30 10.54 -8.60 1.93
CA THR A 30 9.70 -7.44 2.10
C THR A 30 10.55 -6.20 2.37
N PHE A 31 10.26 -5.11 1.65
CA PHE A 31 10.97 -3.86 1.83
C PHE A 31 10.25 -2.98 2.85
N HIS A 32 11.02 -2.36 3.73
CA HIS A 32 10.48 -1.46 4.75
C HIS A 32 11.09 -0.08 4.56
N ALA A 33 10.24 0.95 4.58
CA ALA A 33 10.62 2.32 4.25
C ALA A 33 10.75 3.14 5.52
N SER A 34 11.98 3.55 5.85
CA SER A 34 12.22 4.42 7.00
C SER A 34 12.26 5.90 6.64
N GLN A 35 12.26 6.23 5.35
CA GLN A 35 12.33 7.61 4.86
C GLN A 35 11.00 8.05 4.28
N PRO A 36 10.72 9.35 4.27
CA PRO A 36 9.44 9.82 3.70
C PRO A 36 9.31 9.59 2.21
N SER A 37 10.41 9.44 1.48
CA SER A 37 10.38 9.23 0.03
C SER A 37 11.18 7.99 -0.32
N LEU A 38 10.69 7.26 -1.33
CA LEU A 38 11.34 6.02 -1.77
C LEU A 38 10.94 5.75 -3.21
N THR A 39 11.78 4.98 -3.90
CA THR A 39 11.52 4.58 -5.27
C THR A 39 11.64 3.06 -5.39
N VAL A 40 10.69 2.45 -6.07
CA VAL A 40 10.75 1.03 -6.41
C VAL A 40 11.07 0.97 -7.90
N ASP A 41 12.25 0.44 -8.24
CA ASP A 41 12.72 0.45 -9.62
C ASP A 41 13.22 -0.95 -10.00
N GLY A 42 13.67 -1.08 -11.24
CA GLY A 42 14.11 -2.37 -11.74
C GLY A 42 15.61 -2.54 -11.77
N PHE A 43 16.32 -1.80 -10.93
CA PHE A 43 17.77 -1.80 -10.92
C PHE A 43 18.27 -2.72 -9.80
N THR A 44 19.55 -2.59 -9.41
CA THR A 44 20.21 -3.65 -8.66
C THR A 44 20.98 -3.16 -7.44
N ASP A 45 20.52 -2.08 -6.80
CA ASP A 45 21.15 -1.66 -5.54
C ASP A 45 20.46 -2.35 -4.38
N PRO A 46 21.15 -3.20 -3.62
CA PRO A 46 20.52 -3.89 -2.49
C PRO A 46 20.64 -3.19 -1.15
N SER A 47 21.32 -2.03 -1.10
CA SER A 47 21.64 -1.37 0.16
C SER A 47 21.40 0.14 0.06
N ASN A 48 20.16 0.51 -0.26
CA ASN A 48 19.73 1.91 -0.23
C ASN A 48 18.37 1.96 0.46
N SER A 49 18.32 2.61 1.62
CA SER A 49 17.08 2.69 2.38
C SER A 49 15.97 3.44 1.65
N GLU A 50 16.29 4.14 0.57
CA GLU A 50 15.30 4.86 -0.22
C GLU A 50 15.02 4.21 -1.57
N ARG A 51 15.56 3.02 -1.81
CA ARG A 51 15.36 2.34 -3.09
C ARG A 51 15.04 0.86 -2.85
N PHE A 52 13.92 0.41 -3.42
CA PHE A 52 13.57 -1.00 -3.48
C PHE A 52 13.88 -1.46 -4.89
N CYS A 53 15.04 -2.10 -5.07
CA CYS A 53 15.54 -2.45 -6.40
C CYS A 53 15.11 -3.87 -6.74
N LEU A 54 14.24 -4.00 -7.75
CA LEU A 54 13.67 -5.29 -8.12
C LEU A 54 14.53 -6.07 -9.10
N GLY A 55 15.49 -5.42 -9.76
CA GLY A 55 16.29 -6.10 -10.76
C GLY A 55 17.24 -7.13 -10.21
N LEU A 56 17.62 -7.01 -8.94
CA LEU A 56 18.52 -7.99 -8.32
C LEU A 56 17.79 -9.20 -7.77
N LEU A 57 16.47 -9.10 -7.56
CA LEU A 57 15.71 -10.22 -7.04
C LEU A 57 15.63 -11.33 -8.07
N SER A 58 15.92 -12.56 -7.65
CA SER A 58 15.93 -13.70 -8.55
C SER A 58 14.68 -14.55 -8.33
N ASN A 59 14.28 -15.24 -9.39
CA ASN A 59 13.12 -16.14 -9.34
C ASN A 59 13.40 -17.26 -10.33
N VAL A 60 13.68 -18.45 -9.80
CA VAL A 60 14.04 -19.58 -10.66
C VAL A 60 12.85 -20.14 -11.42
N ASN A 61 11.62 -19.77 -11.05
CA ASN A 61 10.41 -20.19 -11.75
C ASN A 61 9.86 -19.11 -12.67
N ARG A 62 10.74 -18.25 -13.21
CA ARG A 62 10.34 -17.07 -13.95
C ARG A 62 10.36 -17.34 -15.44
N ASN A 63 9.27 -16.97 -16.13
CA ASN A 63 9.20 -17.16 -17.56
C ASN A 63 9.69 -15.92 -18.30
N ALA A 64 9.71 -16.01 -19.64
CA ALA A 64 10.27 -14.93 -20.44
C ALA A 64 9.38 -13.69 -20.45
N THR A 65 8.07 -13.86 -20.29
CA THR A 65 7.18 -12.70 -20.20
C THR A 65 7.51 -11.85 -18.99
N VAL A 66 7.72 -12.48 -17.83
CA VAL A 66 8.11 -11.74 -16.64
C VAL A 66 9.50 -11.14 -16.82
N GLU A 67 10.42 -11.91 -17.41
CA GLU A 67 11.77 -11.42 -17.65
C GLU A 67 11.76 -10.16 -18.51
N MET A 68 10.96 -10.17 -19.59
CA MET A 68 10.88 -9.02 -20.47
C MET A 68 10.28 -7.81 -19.76
N THR A 69 9.23 -8.02 -18.96
CA THR A 69 8.60 -6.92 -18.25
C THR A 69 9.55 -6.29 -17.25
N ARG A 70 10.36 -7.11 -16.57
CA ARG A 70 11.30 -6.60 -15.59
C ARG A 70 12.26 -5.59 -16.21
N ARG A 71 12.70 -5.84 -17.44
CA ARG A 71 13.62 -4.95 -18.13
C ARG A 71 12.99 -3.60 -18.48
N HIS A 72 11.67 -3.48 -18.40
CA HIS A 72 10.99 -2.23 -18.73
C HIS A 72 10.55 -1.45 -17.49
N ILE A 73 10.77 -1.98 -16.30
CA ILE A 73 10.48 -1.22 -15.08
C ILE A 73 11.35 0.03 -15.01
N GLY A 74 12.65 -0.12 -15.27
CA GLY A 74 13.52 1.03 -15.36
C GLY A 74 13.57 1.81 -14.06
N ARG A 75 13.25 3.11 -14.15
CA ARG A 75 13.25 3.98 -12.97
C ARG A 75 12.06 3.71 -12.05
N GLY A 76 11.06 2.98 -12.53
CA GLY A 76 10.01 2.51 -11.65
C GLY A 76 9.08 3.61 -11.16
N VAL A 77 8.70 3.52 -9.89
CA VAL A 77 7.72 4.42 -9.28
C VAL A 77 8.34 5.06 -8.04
N ARG A 78 8.07 6.35 -7.84
CA ARG A 78 8.46 7.07 -6.64
C ARG A 78 7.26 7.14 -5.70
N LEU A 79 7.43 6.64 -4.47
CA LEU A 79 6.38 6.61 -3.46
C LEU A 79 6.79 7.50 -2.31
N TYR A 80 5.98 8.53 -2.02
CA TYR A 80 6.24 9.39 -0.88
C TYR A 80 4.94 10.05 -0.44
N TYR A 81 4.90 10.45 0.83
CA TYR A 81 3.72 11.01 1.45
C TYR A 81 3.97 12.45 1.86
N ILE A 82 2.88 13.21 1.96
CA ILE A 82 2.89 14.58 2.48
C ILE A 82 1.72 14.68 3.45
N GLY A 83 2.00 14.87 4.73
CA GLY A 83 0.94 14.91 5.72
C GLY A 83 0.30 13.55 5.86
N GLY A 84 -1.03 13.51 5.70
CA GLY A 84 -1.76 12.26 5.81
C GLY A 84 -2.22 11.71 4.47
N GLU A 85 -1.45 11.96 3.41
CA GLU A 85 -1.83 11.52 2.08
C GLU A 85 -0.62 10.94 1.36
N VAL A 86 -0.81 9.80 0.71
CA VAL A 86 0.25 9.09 0.02
C VAL A 86 0.03 9.20 -1.48
N PHE A 87 1.12 9.27 -2.24
CA PHE A 87 0.99 9.39 -3.68
C PHE A 87 2.12 8.66 -4.38
N ALA A 88 1.95 8.45 -5.68
CA ALA A 88 2.88 7.70 -6.51
C ALA A 88 3.20 8.46 -7.79
N GLU A 89 4.47 8.46 -8.16
CA GLU A 89 4.95 9.14 -9.37
C GLU A 89 5.61 8.11 -10.28
N CYS A 90 5.27 8.15 -11.56
CA CYS A 90 5.80 7.21 -12.55
C CYS A 90 7.08 7.78 -13.14
N LEU A 91 8.23 7.27 -12.68
CA LEU A 91 9.52 7.63 -13.24
C LEU A 91 9.91 6.76 -14.43
N SER A 92 9.20 5.65 -14.64
CA SER A 92 9.58 4.67 -15.65
C SER A 92 9.24 5.19 -17.05
N ASP A 93 9.79 4.48 -18.05
CA ASP A 93 9.40 4.72 -19.44
C ASP A 93 8.05 4.12 -19.78
N SER A 94 7.60 3.14 -19.01
CA SER A 94 6.29 2.53 -19.17
C SER A 94 5.37 2.97 -18.03
N ALA A 95 4.07 2.85 -18.28
CA ALA A 95 3.09 3.27 -17.29
C ALA A 95 3.07 2.31 -16.11
N ILE A 96 2.34 2.71 -15.06
CA ILE A 96 2.08 1.86 -13.91
C ILE A 96 0.59 1.92 -13.63
N PHE A 97 0.10 0.89 -12.96
CA PHE A 97 -1.33 0.68 -12.74
C PHE A 97 -1.58 0.41 -11.27
N VAL A 98 -2.64 1.02 -10.71
CA VAL A 98 -2.85 1.06 -9.27
C VAL A 98 -4.27 0.60 -8.94
N GLN A 99 -4.39 -0.28 -7.95
CA GLN A 99 -5.68 -0.69 -7.39
C GLN A 99 -5.72 -0.28 -5.92
N SER A 100 -6.49 0.75 -5.61
CA SER A 100 -6.59 1.27 -4.24
C SER A 100 -8.03 1.28 -3.80
N PRO A 101 -8.45 0.34 -2.94
CA PRO A 101 -9.84 0.36 -2.47
C PRO A 101 -10.22 1.65 -1.75
N ASN A 102 -9.27 2.31 -1.09
CA ASN A 102 -9.55 3.62 -0.51
C ASN A 102 -9.87 4.65 -1.58
N CYS A 103 -9.23 4.54 -2.75
CA CYS A 103 -9.56 5.42 -3.86
C CYS A 103 -10.83 4.98 -4.57
N ASN A 104 -11.09 3.67 -4.62
CA ASN A 104 -12.31 3.18 -5.26
C ASN A 104 -13.53 3.53 -4.40
N GLN A 105 -13.38 3.49 -3.08
CA GLN A 105 -14.47 3.90 -2.19
C GLN A 105 -14.91 5.32 -2.49
N ARG A 106 -13.97 6.20 -2.82
CA ARG A 106 -14.32 7.53 -3.30
C ARG A 106 -14.58 7.43 -4.81
N PRO A 111 -14.71 -1.26 -7.06
CA PRO A 111 -13.88 -1.66 -5.92
C PRO A 111 -12.63 -2.40 -6.38
N ALA A 112 -12.46 -2.47 -7.71
CA ALA A 112 -11.22 -2.95 -8.29
C ALA A 112 -10.66 -2.00 -9.35
N THR A 113 -11.11 -0.73 -9.37
CA THR A 113 -10.71 0.20 -10.40
C THR A 113 -9.19 0.37 -10.45
N VAL A 114 -8.62 0.15 -11.63
CA VAL A 114 -7.18 0.26 -11.86
C VAL A 114 -6.92 1.51 -12.68
N CYS A 115 -6.04 2.38 -12.19
CA CYS A 115 -5.79 3.67 -12.79
C CYS A 115 -4.37 3.71 -13.35
N LYS A 116 -4.24 4.20 -14.58
CA LYS A 116 -2.94 4.35 -15.20
C LYS A 116 -2.24 5.60 -14.69
N ILE A 117 -0.92 5.52 -14.59
CA ILE A 117 -0.07 6.67 -14.33
C ILE A 117 0.97 6.75 -15.44
N PRO A 118 0.74 7.58 -16.46
CA PRO A 118 1.66 7.65 -17.60
C PRO A 118 3.05 8.08 -17.16
N PRO A 119 4.07 7.79 -17.96
CA PRO A 119 5.45 8.16 -17.59
C PRO A 119 5.58 9.66 -17.35
N GLY A 120 5.98 10.01 -16.13
CA GLY A 120 6.16 11.38 -15.74
C GLY A 120 5.04 11.97 -14.91
N CYS A 121 3.95 11.24 -14.72
CA CYS A 121 2.83 11.77 -13.96
C CYS A 121 3.06 11.62 -12.46
N ASN A 122 2.39 12.48 -11.70
CA ASN A 122 2.39 12.46 -10.23
C ASN A 122 0.94 12.33 -9.75
N LEU A 123 0.63 11.20 -9.11
CA LEU A 123 -0.75 10.87 -8.75
C LEU A 123 -0.86 10.44 -7.29
N LYS A 124 -1.95 10.85 -6.64
CA LYS A 124 -2.21 10.52 -5.25
C LYS A 124 -2.98 9.20 -5.15
N ILE A 125 -2.67 8.41 -4.12
CA ILE A 125 -3.19 7.06 -4.00
C ILE A 125 -3.83 6.78 -2.65
N PHE A 126 -3.71 7.70 -1.70
CA PHE A 126 -4.28 7.46 -0.38
C PHE A 126 -4.57 8.77 0.34
N ASN A 127 -5.69 8.79 1.06
CA ASN A 127 -6.09 9.93 1.89
C ASN A 127 -6.52 9.39 3.26
N ASN A 128 -5.74 9.69 4.30
CA ASN A 128 -6.00 9.11 5.62
C ASN A 128 -7.27 9.69 6.24
N GLN A 129 -7.66 10.92 5.88
CA GLN A 129 -8.88 11.49 6.43
C GLN A 129 -10.12 10.76 5.93
N GLU A 130 -10.13 10.38 4.65
CA GLU A 130 -11.26 9.63 4.12
C GLU A 130 -11.29 8.21 4.68
N PHE A 131 -10.12 7.65 5.02
CA PHE A 131 -10.11 6.33 5.65
C PHE A 131 -10.69 6.38 7.06
N ALA A 132 -10.29 7.40 7.84
CA ALA A 132 -10.84 7.53 9.18
C ALA A 132 -12.34 7.75 9.15
N ALA A 133 -12.82 8.55 8.19
CA ALA A 133 -14.25 8.75 8.05
C ALA A 133 -14.96 7.44 7.74
N LEU A 134 -14.40 6.65 6.80
CA LEU A 134 -14.96 5.33 6.51
C LEU A 134 -14.85 4.42 7.72
N LEU A 135 -13.69 4.43 8.39
CA LEU A 135 -13.54 3.63 9.61
C LEU A 135 -14.57 4.03 10.65
N ALA A 136 -14.88 5.33 10.76
CA ALA A 136 -15.93 5.77 11.67
C ALA A 136 -17.30 5.33 11.17
N GLN A 137 -17.52 5.34 9.86
CA GLN A 137 -18.78 4.87 9.31
C GLN A 137 -18.94 3.36 9.41
N SER A 138 -17.83 2.63 9.53
CA SER A 138 -17.86 1.17 9.51
C SER A 138 -18.09 0.54 10.88
N VAL A 139 -17.79 1.26 11.97
CA VAL A 139 -17.96 0.67 13.30
C VAL A 139 -19.42 0.32 13.54
N ASN A 140 -20.35 1.04 12.93
CA ASN A 140 -21.76 0.73 13.04
C ASN A 140 -22.16 -0.50 12.22
N GLN A 141 -21.31 -0.95 11.31
CA GLN A 141 -21.65 -2.03 10.40
C GLN A 141 -21.20 -3.40 10.90
N GLY A 142 -20.61 -3.48 12.08
CA GLY A 142 -20.27 -4.75 12.69
C GLY A 142 -18.77 -5.02 12.69
N PHE A 143 -18.42 -6.10 13.40
CA PHE A 143 -17.01 -6.48 13.53
C PHE A 143 -16.44 -6.92 12.19
N GLU A 144 -17.15 -7.78 11.46
CA GLU A 144 -16.62 -8.28 10.20
C GLU A 144 -16.49 -7.19 9.16
N ALA A 145 -17.35 -6.16 9.22
CA ALA A 145 -17.22 -5.04 8.30
C ALA A 145 -15.92 -4.27 8.54
N VAL A 146 -15.66 -3.93 9.80
CA VAL A 146 -14.43 -3.20 10.14
C VAL A 146 -13.20 -4.06 9.90
N TYR A 147 -13.30 -5.37 10.16
CA TYR A 147 -12.15 -6.25 10.00
C TYR A 147 -11.64 -6.26 8.57
N GLN A 148 -12.55 -6.12 7.59
CA GLN A 148 -12.18 -6.12 6.19
C GLN A 148 -11.70 -4.75 5.70
N LEU A 149 -11.59 -3.77 6.60
CA LEU A 149 -11.05 -2.46 6.24
C LEU A 149 -9.54 -2.50 5.98
N THR A 150 -8.87 -3.63 6.22
CA THR A 150 -7.47 -3.75 5.88
C THR A 150 -7.24 -3.52 4.39
N ARG A 151 -8.24 -3.82 3.56
CA ARG A 151 -8.10 -3.58 2.13
C ARG A 151 -7.88 -2.11 1.81
N MET A 152 -8.38 -1.22 2.67
CA MET A 152 -8.20 0.21 2.44
C MET A 152 -6.81 0.70 2.81
N CYS A 153 -6.09 -0.04 3.64
CA CYS A 153 -4.72 0.31 4.02
C CYS A 153 -3.68 -0.31 3.10
N THR A 154 -4.09 -1.12 2.13
CA THR A 154 -3.18 -1.78 1.21
C THR A 154 -3.42 -1.29 -0.20
N ILE A 155 -2.34 -1.10 -0.95
CA ILE A 155 -2.39 -0.59 -2.31
C ILE A 155 -1.53 -1.48 -3.19
N ARG A 156 -2.12 -2.00 -4.27
CA ARG A 156 -1.43 -2.85 -5.21
C ARG A 156 -1.14 -2.08 -6.49
N MET A 157 0.07 -2.26 -7.03
CA MET A 157 0.50 -1.56 -8.22
C MET A 157 1.24 -2.50 -9.14
N SER A 158 0.98 -2.39 -10.44
CA SER A 158 1.59 -3.23 -11.46
C SER A 158 2.43 -2.37 -12.40
N PHE A 159 3.56 -2.90 -12.84
CA PHE A 159 4.44 -2.22 -13.78
C PHE A 159 4.15 -2.68 -15.20
N VAL A 160 4.15 -1.73 -16.14
CA VAL A 160 4.06 -1.97 -17.58
C VAL A 160 2.70 -2.52 -17.97
N LYS A 161 2.32 -3.66 -17.39
CA LYS A 161 1.07 -4.32 -17.75
C LYS A 161 -0.05 -3.93 -16.79
N GLY A 162 -1.26 -3.81 -17.33
CA GLY A 162 -2.42 -3.52 -16.53
C GLY A 162 -3.29 -4.75 -16.34
N TRP A 163 -4.28 -4.60 -15.47
CA TRP A 163 -5.23 -5.68 -15.21
C TRP A 163 -6.56 -5.09 -14.77
N GLY A 164 -7.60 -5.92 -14.85
CA GLY A 164 -8.92 -5.53 -14.40
C GLY A 164 -9.96 -5.73 -15.49
N ALA A 165 -10.98 -4.88 -15.44
CA ALA A 165 -12.10 -5.01 -16.38
C ALA A 165 -11.68 -4.65 -17.79
N GLU A 166 -10.77 -3.69 -17.95
CA GLU A 166 -10.38 -3.19 -19.25
C GLU A 166 -9.25 -3.97 -19.89
N TYR A 167 -8.92 -5.15 -19.38
CA TYR A 167 -7.74 -5.88 -19.83
C TYR A 167 -8.02 -7.36 -19.90
N ARG A 168 -7.19 -8.05 -20.70
CA ARG A 168 -7.28 -9.51 -20.79
C ARG A 168 -6.88 -10.16 -19.46
N ARG A 169 -5.88 -9.61 -18.78
CA ARG A 169 -5.52 -10.07 -17.45
C ARG A 169 -6.61 -9.66 -16.47
N GLN A 170 -7.36 -10.63 -15.96
CA GLN A 170 -8.51 -10.33 -15.11
C GLN A 170 -8.10 -9.98 -13.68
N THR A 171 -7.05 -10.61 -13.16
CA THR A 171 -6.65 -10.42 -11.78
C THR A 171 -5.19 -10.00 -11.71
N VAL A 172 -4.80 -9.45 -10.55
CA VAL A 172 -3.42 -9.00 -10.37
C VAL A 172 -2.46 -10.17 -10.35
N THR A 173 -2.94 -11.38 -10.02
CA THR A 173 -2.09 -12.56 -10.07
C THR A 173 -1.68 -12.92 -11.50
N SER A 174 -2.28 -12.31 -12.51
CA SER A 174 -1.91 -12.53 -13.89
C SER A 174 -0.88 -11.52 -14.40
N THR A 175 -0.58 -10.46 -13.64
CA THR A 175 0.40 -9.49 -14.09
C THR A 175 1.81 -9.98 -13.76
N PRO A 176 2.78 -9.73 -14.65
CA PRO A 176 4.13 -10.29 -14.41
C PRO A 176 4.88 -9.65 -13.26
N CYS A 177 4.66 -8.36 -12.98
CA CYS A 177 5.41 -7.64 -11.96
C CYS A 177 4.47 -6.71 -11.21
N TRP A 178 4.26 -6.96 -9.92
CA TRP A 178 3.43 -6.06 -9.13
C TRP A 178 3.90 -6.07 -7.68
N ILE A 179 3.49 -5.02 -6.96
CA ILE A 179 3.89 -4.83 -5.57
C ILE A 179 2.64 -4.57 -4.73
N GLU A 180 2.76 -4.83 -3.43
CA GLU A 180 1.67 -4.61 -2.48
C GLU A 180 2.19 -3.74 -1.35
N LEU A 181 1.59 -2.56 -1.20
CA LEU A 181 1.99 -1.56 -0.23
C LEU A 181 1.08 -1.66 1.00
N HIS A 182 1.67 -1.67 2.19
CA HIS A 182 0.94 -1.66 3.45
C HIS A 182 1.25 -0.36 4.18
N LEU A 183 0.20 0.35 4.61
CA LEU A 183 0.35 1.60 5.33
C LEU A 183 0.26 1.32 6.84
N ASN A 184 1.39 1.43 7.53
CA ASN A 184 1.48 0.93 8.90
C ASN A 184 0.76 1.83 9.89
N GLY A 185 0.81 3.15 9.67
CA GLY A 185 0.11 4.08 10.53
C GLY A 185 -1.38 3.83 10.60
N PRO A 186 -2.06 3.89 9.44
CA PRO A 186 -3.49 3.56 9.43
C PRO A 186 -3.80 2.17 9.94
N LEU A 187 -2.94 1.18 9.68
CA LEU A 187 -3.16 -0.15 10.22
C LEU A 187 -3.19 -0.15 11.74
N GLN A 188 -2.38 0.70 12.38
CA GLN A 188 -2.40 0.78 13.83
C GLN A 188 -3.71 1.36 14.34
N TRP A 189 -4.20 2.42 13.70
CA TRP A 189 -5.49 2.99 14.09
C TRP A 189 -6.61 1.98 13.89
N LEU A 190 -6.58 1.23 12.79
CA LEU A 190 -7.54 0.16 12.60
C LEU A 190 -7.41 -0.89 13.68
N ASP A 191 -6.18 -1.17 14.13
CA ASP A 191 -5.97 -2.13 15.20
C ASP A 191 -6.65 -1.70 16.50
N LYS A 192 -6.57 -0.40 16.81
CA LYS A 192 -7.15 0.09 18.06
C LYS A 192 -8.68 0.00 18.02
N VAL A 193 -9.29 0.26 16.87
CA VAL A 193 -10.73 0.12 16.76
C VAL A 193 -11.14 -1.35 16.83
N LEU A 194 -10.38 -2.24 16.18
CA LEU A 194 -10.72 -3.65 16.20
C LEU A 194 -10.68 -4.22 17.62
N THR A 195 -9.69 -3.80 18.41
CA THR A 195 -9.62 -4.26 19.81
C THR A 195 -10.76 -3.72 20.65
N GLN A 196 -11.53 -2.76 20.16
CA GLN A 196 -12.61 -2.14 20.92
C GLN A 196 -13.99 -2.46 20.36
N MET A 197 -14.08 -3.37 19.40
CA MET A 197 -15.36 -3.74 18.81
C MET A 197 -16.16 -4.62 19.75
N PRO B 2 -18.31 5.70 23.94
CA PRO B 2 -17.40 5.24 24.98
C PRO B 2 -15.95 5.54 24.64
N GLY B 3 -15.07 4.57 24.86
CA GLY B 3 -13.69 4.70 24.42
C GLY B 3 -13.50 4.48 22.94
N LEU B 4 -14.48 3.87 22.27
CA LEU B 4 -14.41 3.71 20.82
C LEU B 4 -14.68 5.04 20.11
N GLN B 5 -15.68 5.79 20.58
CA GLN B 5 -15.93 7.11 20.02
C GLN B 5 -14.75 8.05 20.25
N LYS B 6 -14.03 7.89 21.36
CA LYS B 6 -12.83 8.68 21.59
C LYS B 6 -11.78 8.37 20.53
N THR B 7 -11.48 7.09 20.33
CA THR B 7 -10.51 6.68 19.32
C THR B 7 -10.90 7.21 17.94
N LEU B 8 -12.18 7.10 17.58
CA LEU B 8 -12.64 7.63 16.30
C LEU B 8 -12.38 9.13 16.21
N GLU B 9 -12.57 9.86 17.30
CA GLU B 9 -12.36 11.30 17.28
C GLU B 9 -10.87 11.64 17.22
N GLN B 10 -10.04 10.91 17.95
CA GLN B 10 -8.59 11.09 17.84
C GLN B 10 -8.13 10.85 16.41
N PHE B 11 -8.55 9.73 15.82
CA PHE B 11 -8.16 9.41 14.45
C PHE B 11 -8.67 10.46 13.48
N HIS B 12 -9.93 10.87 13.63
CA HIS B 12 -10.49 11.93 12.80
C HIS B 12 -9.62 13.18 12.87
N LEU B 13 -9.04 13.46 14.04
CA LEU B 13 -8.21 14.65 14.19
C LEU B 13 -6.82 14.43 13.61
N SER B 14 -6.16 13.32 13.96
CA SER B 14 -4.82 13.06 13.47
C SER B 14 -4.78 12.78 11.98
N SER B 15 -5.89 12.30 11.40
CA SER B 15 -5.90 11.97 9.98
C SER B 15 -5.76 13.20 9.10
N MET B 16 -6.00 14.39 9.64
CA MET B 16 -6.02 15.59 8.81
C MET B 16 -4.62 16.01 8.38
N SER B 17 -3.57 15.60 9.10
CA SER B 17 -2.24 16.11 8.81
C SER B 17 -1.13 15.10 9.02
N SER B 18 -1.43 13.82 9.23
CA SER B 18 -0.37 12.87 9.54
C SER B 18 -0.81 11.44 9.24
N LEU B 19 0.17 10.60 8.92
CA LEU B 19 -0.02 9.16 8.87
C LEU B 19 0.36 8.47 10.17
N GLY B 20 0.56 9.24 11.25
CA GLY B 20 1.03 8.66 12.49
C GLY B 20 -0.04 7.81 13.17
N GLY B 21 0.44 6.82 13.91
CA GLY B 21 -0.44 5.94 14.64
C GLY B 21 -0.90 6.55 15.95
N PRO B 22 -1.54 5.73 16.80
CA PRO B 22 -2.11 6.27 18.04
C PRO B 22 -1.12 6.47 19.17
N ALA B 23 0.17 6.58 18.84
CA ALA B 23 1.19 6.85 19.85
C ALA B 23 1.66 8.29 19.78
#